data_7RDG
#
_entry.id   7RDG
#
_cell.length_a   30.330
_cell.length_b   112.280
_cell.length_c   77.040
_cell.angle_alpha   90.000
_cell.angle_beta   91.080
_cell.angle_gamma   90.000
#
_symmetry.space_group_name_H-M   'P 1 21 1'
#
loop_
_entity.id
_entity.type
_entity.pdbx_description
1 polymer Galectin-7
2 branched beta-D-galactopyranose-(1-4)-alpha-D-glucopyranose
3 non-polymer 1,2-ETHANEDIOL
4 water water
#
_entity_poly.entity_id   1
_entity_poly.type   'polypeptide(L)'
_entity_poly.pdbx_seq_one_letter_code
;SNVPHKSSLPEGIRPGTVLRIRGLVPPNASRFHVNLLCGEEQGSDAALHFNPRLDTSEVVFNSKEQGSWGREERGPGVPF
QRGQPFEVLIIASDDGFKAVVGAAQYHHFRHRLPLARVRLVEVGGDVQLDSVRIF
;
_entity_poly.pdbx_strand_id   C,B,A,D
#
loop_
_chem_comp.id
_chem_comp.type
_chem_comp.name
_chem_comp.formula
EDO non-polymer 1,2-ETHANEDIOL 'C2 H6 O2'
GAL D-saccharide, beta linking beta-D-galactopyranose 'C6 H12 O6'
GLC D-saccharide, alpha linking alpha-D-glucopyranose 'C6 H12 O6'
#
# COMPACT_ATOMS: atom_id res chain seq x y z
N VAL A 3 -6.87 -9.19 -12.56
CA VAL A 3 -6.11 -10.09 -13.42
C VAL A 3 -5.53 -9.28 -14.57
N PRO A 4 -4.26 -9.52 -14.91
CA PRO A 4 -3.67 -8.91 -16.11
C PRO A 4 -4.12 -9.68 -17.35
N HIS A 5 -4.23 -8.99 -18.47
CA HIS A 5 -4.62 -9.61 -19.75
C HIS A 5 -3.39 -9.72 -20.64
N LYS A 6 -3.07 -10.95 -21.08
CA LYS A 6 -2.05 -11.19 -22.10
C LYS A 6 -2.66 -12.06 -23.19
N SER A 7 -2.43 -11.70 -24.46
CA SER A 7 -3.01 -12.47 -25.53
C SER A 7 -2.14 -12.38 -26.77
N SER A 8 -2.24 -13.38 -27.63
CA SER A 8 -1.35 -13.51 -28.77
C SER A 8 -2.01 -13.04 -30.07
N LEU A 9 -1.17 -12.39 -30.90
CA LEU A 9 -1.49 -11.95 -32.24
C LEU A 9 -0.45 -12.55 -33.19
N PRO A 10 -0.49 -13.87 -33.35
CA PRO A 10 0.65 -14.58 -33.97
C PRO A 10 0.89 -14.16 -35.41
N GLU A 11 -0.16 -13.68 -36.11
CA GLU A 11 -0.10 -13.24 -37.53
C GLU A 11 0.38 -11.77 -37.62
N GLY A 12 -0.08 -10.85 -36.76
CA GLY A 12 0.29 -9.43 -36.79
C GLY A 12 -0.94 -8.51 -36.64
N ILE A 13 -0.68 -7.20 -36.59
CA ILE A 13 -1.77 -6.17 -36.69
C ILE A 13 -1.59 -5.47 -38.05
N ARG A 14 -2.66 -5.31 -38.85
CA ARG A 14 -2.67 -4.62 -40.17
C ARG A 14 -3.25 -3.22 -39.97
N PRO A 15 -3.12 -2.29 -40.91
CA PRO A 15 -3.96 -1.08 -40.80
C PRO A 15 -5.43 -1.50 -40.80
N GLY A 16 -6.10 -1.20 -39.75
CA GLY A 16 -7.51 -1.60 -39.62
C GLY A 16 -7.80 -2.37 -38.33
N THR A 17 -6.78 -2.89 -37.65
CA THR A 17 -6.95 -3.61 -36.39
C THR A 17 -7.38 -2.62 -35.32
N VAL A 18 -8.34 -3.03 -34.49
CA VAL A 18 -8.92 -2.17 -33.45
C VAL A 18 -8.86 -2.97 -32.18
N LEU A 19 -8.24 -2.42 -31.15
CA LEU A 19 -8.17 -3.04 -29.83
C LEU A 19 -9.15 -2.28 -28.96
N ARG A 20 -10.15 -2.97 -28.42
CA ARG A 20 -11.08 -2.33 -27.50
C ARG A 20 -10.90 -2.85 -26.10
N ILE A 21 -10.75 -1.92 -25.16
CA ILE A 21 -10.54 -2.24 -23.76
C ILE A 21 -11.61 -1.55 -22.95
N ARG A 22 -12.34 -2.30 -22.15
CA ARG A 22 -13.31 -1.78 -21.20
C ARG A 22 -12.99 -2.31 -19.82
N GLY A 23 -12.92 -1.41 -18.86
CA GLY A 23 -12.61 -1.77 -17.50
C GLY A 23 -12.94 -0.63 -16.58
N LEU A 24 -12.43 -0.77 -15.33
CA LEU A 24 -12.62 0.17 -14.21
C LEU A 24 -11.22 0.59 -13.77
N VAL A 25 -11.05 1.82 -13.30
CA VAL A 25 -9.79 2.23 -12.67
C VAL A 25 -10.00 2.15 -11.18
N PRO A 26 -9.37 1.21 -10.46
CA PRO A 26 -9.58 1.06 -9.02
C PRO A 26 -9.49 2.39 -8.27
N PRO A 27 -10.29 2.56 -7.22
CA PRO A 27 -10.23 3.80 -6.45
C PRO A 27 -8.85 4.19 -5.90
N ASN A 28 -7.89 3.27 -5.86
CA ASN A 28 -6.56 3.60 -5.35
C ASN A 28 -5.49 3.30 -6.38
N ALA A 29 -5.85 3.44 -7.65
CA ALA A 29 -4.90 3.10 -8.70
C ALA A 29 -3.70 4.03 -8.68
N SER A 30 -2.54 3.48 -9.03
CA SER A 30 -1.39 4.33 -9.29
C SER A 30 -1.24 4.53 -10.79
N ARG A 31 -0.95 3.45 -11.51
CA ARG A 31 -0.82 3.50 -12.97
C ARG A 31 -1.17 2.15 -13.57
N PHE A 32 -1.55 2.16 -14.86
CA PHE A 32 -1.68 0.90 -15.58
C PHE A 32 -1.13 1.06 -16.97
N HIS A 33 -1.12 -0.04 -17.72
CA HIS A 33 -0.47 0.03 -19.02
C HIS A 33 -1.14 -0.84 -20.06
N VAL A 34 -0.99 -0.41 -21.31
CA VAL A 34 -1.33 -1.20 -22.48
C VAL A 34 -0.11 -1.27 -23.38
N ASN A 35 0.37 -2.50 -23.60
CA ASN A 35 1.59 -2.78 -24.37
C ASN A 35 1.24 -3.61 -25.59
N LEU A 36 1.89 -3.31 -26.72
CA LEU A 36 1.80 -4.05 -27.96
C LEU A 36 3.23 -4.44 -28.28
N LEU A 37 3.54 -5.72 -28.20
CA LEU A 37 4.91 -6.17 -28.14
C LEU A 37 5.24 -7.05 -29.35
N CYS A 38 6.55 -7.25 -29.57
CA CYS A 38 7.01 -7.95 -30.76
C CYS A 38 7.51 -9.37 -30.48
N GLY A 39 7.12 -9.94 -29.35
CA GLY A 39 7.64 -11.22 -28.91
C GLY A 39 7.14 -11.51 -27.51
N GLU A 40 7.37 -12.77 -27.08
CA GLU A 40 6.69 -13.30 -25.90
C GLU A 40 7.37 -12.95 -24.56
N GLU A 41 8.55 -12.32 -24.59
CA GLU A 41 9.41 -12.00 -23.45
C GLU A 41 9.06 -10.61 -22.93
N GLN A 42 9.10 -10.45 -21.60
CA GLN A 42 8.99 -9.11 -20.99
C GLN A 42 10.32 -8.37 -21.21
N GLY A 43 10.23 -7.08 -21.62
CA GLY A 43 11.37 -6.41 -22.19
C GLY A 43 11.56 -6.65 -23.67
N SER A 44 10.76 -7.52 -24.27
CA SER A 44 10.78 -7.57 -25.71
C SER A 44 10.41 -6.19 -26.25
N ASP A 45 10.74 -5.96 -27.51
CA ASP A 45 10.48 -4.68 -28.16
C ASP A 45 9.00 -4.35 -28.10
N ALA A 46 8.71 -3.05 -27.91
CA ALA A 46 7.35 -2.54 -27.70
C ALA A 46 7.02 -1.58 -28.81
N ALA A 47 6.09 -1.99 -29.69
CA ALA A 47 5.64 -1.08 -30.73
C ALA A 47 4.84 0.05 -30.13
N LEU A 48 4.20 -0.22 -28.99
CA LEU A 48 3.45 0.82 -28.31
C LEU A 48 3.40 0.50 -26.84
N HIS A 49 3.72 1.50 -26.02
CA HIS A 49 3.56 1.49 -24.56
C HIS A 49 2.63 2.64 -24.21
N PHE A 50 1.41 2.29 -23.82
CA PHE A 50 0.33 3.22 -23.53
C PHE A 50 0.18 3.19 -21.99
N ASN A 51 0.57 4.25 -21.29
CA ASN A 51 0.80 4.16 -19.84
C ASN A 51 0.22 5.32 -19.02
N PRO A 52 -1.08 5.27 -18.68
CA PRO A 52 -1.70 6.37 -17.91
C PRO A 52 -1.33 6.29 -16.44
N ARG A 53 -0.72 7.33 -15.90
CA ARG A 53 -0.27 7.39 -14.50
C ARG A 53 -1.24 8.29 -13.77
N LEU A 54 -2.12 7.75 -12.95
CA LEU A 54 -3.00 8.55 -12.10
C LEU A 54 -2.22 9.18 -10.93
N ASP A 55 -1.10 8.54 -10.51
CA ASP A 55 -0.34 9.04 -9.37
C ASP A 55 0.37 10.35 -9.72
N THR A 56 0.79 10.51 -10.96
CA THR A 56 1.45 11.71 -11.41
C THR A 56 0.65 12.48 -12.47
N SER A 57 -0.54 12.00 -12.85
CA SER A 57 -1.46 12.78 -13.68
C SER A 57 -0.84 13.14 -15.03
N GLU A 58 -0.27 12.14 -15.68
CA GLU A 58 0.12 12.18 -17.07
C GLU A 58 -0.33 10.86 -17.69
N VAL A 59 -0.48 10.87 -19.02
CA VAL A 59 -0.49 9.68 -19.83
C VAL A 59 0.74 9.71 -20.72
N VAL A 60 1.47 8.61 -20.77
CA VAL A 60 2.74 8.56 -21.47
C VAL A 60 2.64 7.55 -22.61
N PHE A 61 3.14 7.95 -23.77
CA PHE A 61 3.29 7.09 -24.92
C PHE A 61 4.73 6.95 -25.41
N ASN A 62 5.16 5.73 -25.66
CA ASN A 62 6.50 5.47 -26.16
C ASN A 62 6.58 4.03 -26.69
N SER A 63 7.74 3.72 -27.26
CA SER A 63 8.14 2.43 -27.78
C SER A 63 9.53 2.05 -27.23
N LYS A 64 9.84 0.76 -27.33
CA LYS A 64 11.12 0.18 -26.84
C LYS A 64 11.76 -0.59 -27.99
N GLU A 65 13.04 -0.39 -28.27
CA GLU A 65 13.77 -1.17 -29.23
C GLU A 65 15.07 -1.61 -28.58
N GLN A 66 15.32 -2.91 -28.63
CA GLN A 66 16.60 -3.47 -28.18
C GLN A 66 16.97 -2.93 -26.80
N GLY A 67 15.98 -2.85 -25.92
CA GLY A 67 16.20 -2.58 -24.53
C GLY A 67 15.93 -1.16 -24.08
N SER A 68 15.95 -0.16 -24.96
CA SER A 68 15.90 1.22 -24.48
C SER A 68 14.68 1.99 -25.01
N TRP A 69 14.11 2.82 -24.13
CA TRP A 69 12.94 3.59 -24.52
C TRP A 69 13.28 4.60 -25.60
N GLY A 70 12.25 4.94 -26.39
CA GLY A 70 12.37 5.94 -27.44
C GLY A 70 12.08 7.31 -26.85
N ARG A 71 11.74 8.28 -27.70
CA ARG A 71 11.33 9.59 -27.17
C ARG A 71 9.92 9.48 -26.59
N GLU A 72 9.71 9.96 -25.36
CA GLU A 72 8.36 9.88 -24.81
C GLU A 72 7.40 10.91 -25.43
N GLU A 73 6.14 10.50 -25.59
CA GLU A 73 5.05 11.38 -25.98
C GLU A 73 4.00 11.41 -24.86
N ARG A 74 3.43 12.58 -24.61
CA ARG A 74 2.47 12.76 -23.52
C ARG A 74 1.15 13.33 -24.04
N GLY A 75 0.05 12.62 -23.78
CA GLY A 75 -1.27 13.08 -24.12
C GLY A 75 -1.61 14.33 -23.35
N PRO A 76 -2.70 15.03 -23.71
CA PRO A 76 -3.07 16.25 -22.99
C PRO A 76 -4.12 16.01 -21.91
N GLY A 77 -3.83 16.37 -20.63
CA GLY A 77 -4.67 15.98 -19.51
C GLY A 77 -4.73 14.44 -19.33
N VAL A 78 -5.60 14.00 -18.43
CA VAL A 78 -5.69 12.59 -18.08
C VAL A 78 -7.13 12.10 -18.17
N PRO A 79 -7.53 11.49 -19.24
CA PRO A 79 -8.95 11.12 -19.38
C PRO A 79 -9.31 9.85 -18.62
N PHE A 80 -8.63 9.58 -17.52
CA PHE A 80 -9.02 8.54 -16.59
C PHE A 80 -9.23 9.19 -15.24
N GLN A 81 -9.97 8.49 -14.38
CA GLN A 81 -10.16 8.89 -13.00
C GLN A 81 -10.37 7.64 -12.15
N ARG A 82 -9.92 7.72 -10.90
CA ARG A 82 -10.03 6.59 -9.99
C ARG A 82 -11.49 6.34 -9.62
N GLY A 83 -11.84 5.05 -9.53
CA GLY A 83 -13.16 4.61 -9.13
C GLY A 83 -14.19 4.70 -10.21
N GLN A 84 -13.78 4.81 -11.48
CA GLN A 84 -14.64 5.16 -12.60
C GLN A 84 -14.31 4.34 -13.84
N PRO A 85 -15.34 3.89 -14.56
CA PRO A 85 -15.11 2.96 -15.65
C PRO A 85 -14.68 3.70 -16.90
N PHE A 86 -14.05 2.96 -17.82
CA PHE A 86 -13.51 3.56 -19.02
C PHE A 86 -13.72 2.65 -20.23
N GLU A 87 -13.51 3.26 -21.39
CA GLU A 87 -13.47 2.55 -22.66
C GLU A 87 -12.39 3.22 -23.48
N VAL A 88 -11.45 2.40 -23.92
CA VAL A 88 -10.36 2.81 -24.79
C VAL A 88 -10.42 2.04 -26.08
N LEU A 89 -10.24 2.77 -27.18
CA LEU A 89 -9.97 2.19 -28.48
C LEU A 89 -8.57 2.56 -28.89
N ILE A 90 -7.79 1.56 -29.21
CA ILE A 90 -6.51 1.74 -29.87
C ILE A 90 -6.74 1.32 -31.31
N ILE A 91 -6.51 2.22 -32.24
CA ILE A 91 -6.77 1.93 -33.64
C ILE A 91 -5.48 2.08 -34.42
N ALA A 92 -5.21 1.12 -35.27
CA ALA A 92 -3.99 1.09 -36.06
C ALA A 92 -4.29 1.57 -37.47
N SER A 93 -3.48 2.55 -37.92
CA SER A 93 -3.53 3.15 -39.27
C SER A 93 -2.25 2.72 -39.99
N ASP A 94 -2.01 3.21 -41.19
CA ASP A 94 -0.74 2.96 -41.85
C ASP A 94 0.36 3.87 -41.32
N ASP A 95 0.01 4.96 -40.64
CA ASP A 95 0.98 5.91 -40.12
C ASP A 95 1.17 5.80 -38.62
N GLY A 96 0.12 5.54 -37.87
CA GLY A 96 0.29 5.49 -36.43
C GLY A 96 -0.82 4.77 -35.72
N PHE A 97 -0.84 4.98 -34.41
CA PHE A 97 -1.90 4.51 -33.55
C PHE A 97 -2.77 5.67 -33.11
N LYS A 98 -4.08 5.53 -33.29
CA LYS A 98 -5.06 6.46 -32.75
C LYS A 98 -5.50 5.94 -31.38
N ALA A 99 -5.44 6.77 -30.36
CA ALA A 99 -5.95 6.41 -29.03
C ALA A 99 -7.22 7.22 -28.77
N VAL A 100 -8.35 6.52 -28.65
CA VAL A 100 -9.64 7.11 -28.34
C VAL A 100 -9.98 6.74 -26.89
N VAL A 101 -10.34 7.71 -26.05
CA VAL A 101 -10.75 7.46 -24.63
C VAL A 101 -12.06 8.20 -24.38
N GLY A 102 -13.14 7.50 -24.04
CA GLY A 102 -14.42 8.14 -23.64
C GLY A 102 -15.06 9.01 -24.73
N ALA A 103 -15.34 8.46 -25.91
CA ALA A 103 -16.11 9.17 -26.97
C ALA A 103 -15.32 10.34 -27.57
N ALA A 104 -14.00 10.38 -27.42
CA ALA A 104 -13.19 11.40 -28.08
C ALA A 104 -11.77 10.91 -28.35
N GLN A 105 -11.25 11.25 -29.52
CA GLN A 105 -9.85 11.03 -29.80
C GLN A 105 -9.01 11.78 -28.77
N TYR A 106 -7.87 11.20 -28.40
CA TYR A 106 -7.01 11.70 -27.34
C TYR A 106 -5.62 12.03 -27.84
N HIS A 107 -4.95 11.08 -28.50
CA HIS A 107 -3.57 11.24 -28.96
C HIS A 107 -3.39 10.39 -30.22
N HIS A 108 -2.53 10.84 -31.13
CA HIS A 108 -2.04 10.02 -32.26
C HIS A 108 -0.54 9.75 -32.14
N PHE A 109 -0.13 8.49 -32.29
CA PHE A 109 1.24 8.08 -32.03
C PHE A 109 1.88 7.53 -33.29
N ARG A 110 2.65 8.33 -34.00
CA ARG A 110 3.29 7.85 -35.21
C ARG A 110 3.99 6.53 -34.94
N HIS A 111 3.92 5.61 -35.88
CA HIS A 111 4.65 4.37 -35.63
C HIS A 111 6.14 4.67 -35.46
N ARG A 112 6.83 3.73 -34.79
CA ARG A 112 8.29 3.67 -34.70
C ARG A 112 8.73 2.27 -35.10
N LEU A 113 7.87 1.29 -34.83
CA LEU A 113 8.09 -0.11 -35.25
C LEU A 113 7.11 -0.50 -36.35
N PRO A 114 7.55 -1.26 -37.35
CA PRO A 114 6.58 -1.85 -38.30
C PRO A 114 5.44 -2.54 -37.59
N LEU A 115 4.21 -2.22 -38.01
CA LEU A 115 3.02 -2.87 -37.47
C LEU A 115 3.15 -4.39 -37.51
N ALA A 116 3.82 -4.90 -38.53
CA ALA A 116 3.86 -6.33 -38.79
C ALA A 116 4.61 -7.12 -37.70
N ARG A 117 5.53 -6.47 -37.00
CA ARG A 117 6.35 -7.10 -35.98
C ARG A 117 5.60 -7.26 -34.67
N VAL A 118 4.37 -6.74 -34.56
CA VAL A 118 3.60 -6.89 -33.34
C VAL A 118 3.10 -8.33 -33.22
N ARG A 119 3.33 -8.95 -32.05
CA ARG A 119 2.87 -10.30 -31.79
C ARG A 119 2.01 -10.43 -30.53
N LEU A 120 1.87 -9.38 -29.71
CA LEU A 120 1.24 -9.59 -28.42
C LEU A 120 0.62 -8.34 -27.85
N VAL A 121 -0.53 -8.53 -27.22
CA VAL A 121 -1.21 -7.50 -26.44
C VAL A 121 -1.12 -7.91 -24.99
N GLU A 122 -0.61 -7.04 -24.17
CA GLU A 122 -0.67 -7.23 -22.75
C GLU A 122 -1.25 -5.93 -22.19
N VAL A 123 -2.09 -6.08 -21.19
CA VAL A 123 -2.75 -4.99 -20.49
C VAL A 123 -2.69 -5.30 -18.99
N GLY A 124 -1.76 -4.72 -18.26
CA GLY A 124 -1.69 -5.03 -16.85
C GLY A 124 -1.65 -3.77 -16.02
N GLY A 125 -1.29 -3.85 -14.74
CA GLY A 125 -1.15 -2.68 -13.90
C GLY A 125 -2.31 -2.57 -12.95
N ASP A 126 -2.49 -1.37 -12.37
CA ASP A 126 -3.62 -1.13 -11.46
C ASP A 126 -4.93 -0.91 -12.24
N VAL A 127 -5.58 -2.01 -12.62
CA VAL A 127 -6.73 -1.89 -13.50
C VAL A 127 -7.58 -3.15 -13.41
N GLN A 128 -8.89 -2.93 -13.35
CA GLN A 128 -9.90 -3.97 -13.45
C GLN A 128 -10.38 -4.02 -14.89
N LEU A 129 -10.37 -5.19 -15.50
CA LEU A 129 -10.83 -5.32 -16.87
C LEU A 129 -12.17 -6.01 -16.87
N ASP A 130 -13.17 -5.39 -17.49
CA ASP A 130 -14.34 -6.15 -17.91
C ASP A 130 -14.02 -6.92 -19.19
N SER A 131 -13.51 -6.26 -20.22
CA SER A 131 -13.28 -6.93 -21.49
C SER A 131 -12.08 -6.32 -22.21
N VAL A 132 -11.41 -7.17 -22.98
CA VAL A 132 -10.33 -6.77 -23.87
C VAL A 132 -10.52 -7.58 -25.14
N ARG A 133 -10.77 -6.92 -26.26
CA ARG A 133 -10.94 -7.65 -27.50
C ARG A 133 -10.45 -6.86 -28.69
N ILE A 134 -10.03 -7.62 -29.69
CA ILE A 134 -9.41 -7.12 -30.90
C ILE A 134 -10.32 -7.46 -32.06
N PHE A 135 -10.73 -6.43 -32.81
CA PHE A 135 -11.53 -6.63 -34.02
C PHE A 135 -10.72 -6.35 -35.32
N VAL B 3 -29.74 15.81 18.09
CA VAL B 3 -29.24 16.70 17.03
C VAL B 3 -28.20 15.99 16.18
N PRO B 4 -28.24 16.31 14.86
CA PRO B 4 -27.29 15.73 13.90
C PRO B 4 -25.83 16.22 13.93
N HIS B 5 -25.02 15.71 12.98
CA HIS B 5 -23.67 16.20 12.73
C HIS B 5 -23.34 16.27 11.25
N LYS B 6 -22.96 17.44 10.74
CA LYS B 6 -22.42 17.56 9.39
C LYS B 6 -21.11 18.32 9.48
N SER B 7 -20.02 17.75 8.96
CA SER B 7 -18.71 18.36 9.03
C SER B 7 -18.01 18.34 7.68
N SER B 8 -17.35 19.44 7.37
CA SER B 8 -16.68 19.41 6.08
C SER B 8 -15.30 18.79 6.22
N LEU B 9 -14.81 18.34 5.08
CA LEU B 9 -13.50 17.70 4.96
C LEU B 9 -12.94 18.19 3.64
N PRO B 10 -12.55 19.46 3.56
CA PRO B 10 -12.25 20.05 2.25
C PRO B 10 -11.08 19.42 1.52
N GLU B 11 -10.12 18.86 2.25
CA GLU B 11 -8.99 18.20 1.64
C GLU B 11 -9.12 16.67 1.58
N GLY B 12 -10.35 16.12 1.58
CA GLY B 12 -10.39 14.67 1.46
C GLY B 12 -9.86 13.96 2.69
N ILE B 13 -9.73 12.64 2.55
CA ILE B 13 -9.14 11.81 3.60
C ILE B 13 -8.00 10.97 3.01
N ARG B 14 -7.17 10.43 3.91
CA ARG B 14 -6.03 9.61 3.50
C ARG B 14 -5.89 8.37 4.37
N PRO B 15 -5.10 7.38 3.93
CA PRO B 15 -4.89 6.16 4.73
C PRO B 15 -4.40 6.59 6.10
N GLY B 16 -5.05 6.15 7.17
CA GLY B 16 -4.72 6.60 8.51
C GLY B 16 -5.74 7.51 9.12
N THR B 17 -6.69 8.01 8.33
CA THR B 17 -7.71 8.88 8.90
C THR B 17 -8.68 8.06 9.71
N VAL B 18 -9.03 8.57 10.89
CA VAL B 18 -9.81 7.86 11.89
C VAL B 18 -10.93 8.79 12.31
N LEU B 19 -12.17 8.33 12.18
CA LEU B 19 -13.34 8.98 12.76
C LEU B 19 -13.72 8.19 14.02
N ARG B 20 -14.15 8.89 15.03
CA ARG B 20 -14.58 8.29 16.28
C ARG B 20 -15.91 8.91 16.68
N ILE B 21 -16.87 8.06 16.96
CA ILE B 21 -18.19 8.50 17.32
C ILE B 21 -18.53 7.84 18.65
N ARG B 22 -18.89 8.66 19.62
CA ARG B 22 -19.30 8.20 20.94
C ARG B 22 -20.71 8.72 21.17
N GLY B 23 -21.62 7.82 21.50
CA GLY B 23 -22.97 8.23 21.78
C GLY B 23 -23.78 7.11 22.38
N LEU B 24 -25.10 7.31 22.34
CA LEU B 24 -26.09 6.44 22.95
C LEU B 24 -27.12 6.13 21.88
N VAL B 25 -27.42 4.84 21.69
CA VAL B 25 -28.59 4.39 20.95
C VAL B 25 -29.83 4.56 21.83
N PRO B 26 -30.80 5.38 21.43
CA PRO B 26 -31.97 5.63 22.26
C PRO B 26 -32.86 4.41 22.40
N PRO B 27 -33.65 4.30 23.48
CA PRO B 27 -34.27 3.03 23.85
C PRO B 27 -35.40 2.61 22.91
N ASN B 28 -35.77 3.46 21.96
CA ASN B 28 -36.78 3.14 20.96
C ASN B 28 -36.22 3.37 19.56
N ALA B 29 -34.92 3.26 19.39
CA ALA B 29 -34.28 3.63 18.14
C ALA B 29 -34.70 2.70 17.04
N SER B 30 -34.79 3.26 15.83
CA SER B 30 -35.04 2.50 14.62
C SER B 30 -33.77 2.32 13.79
N ARG B 31 -33.11 3.41 13.42
CA ARG B 31 -31.84 3.30 12.73
C ARG B 31 -31.07 4.62 12.80
N PHE B 32 -29.77 4.55 12.53
CA PHE B 32 -28.97 5.79 12.37
C PHE B 32 -27.97 5.49 11.28
N HIS B 33 -27.22 6.52 10.87
CA HIS B 33 -26.28 6.40 9.76
C HIS B 33 -25.03 7.25 10.02
N VAL B 34 -23.95 6.82 9.35
CA VAL B 34 -22.71 7.56 9.19
C VAL B 34 -22.43 7.58 7.69
N ASN B 35 -22.31 8.77 7.12
CA ASN B 35 -22.03 8.94 5.70
C ASN B 35 -20.69 9.64 5.50
N LEU B 36 -20.01 9.27 4.43
CA LEU B 36 -18.84 9.99 3.94
C LEU B 36 -19.21 10.30 2.49
N LEU B 37 -19.54 11.56 2.23
CA LEU B 37 -20.04 12.01 0.96
C LEU B 37 -18.96 12.78 0.19
N CYS B 38 -19.11 12.82 -1.13
CA CYS B 38 -18.16 13.52 -1.98
C CYS B 38 -18.67 14.89 -2.42
N GLY B 39 -19.63 15.45 -1.70
CA GLY B 39 -20.12 16.80 -1.90
C GLY B 39 -21.04 17.17 -0.75
N GLU B 40 -21.62 18.38 -0.79
CA GLU B 40 -22.45 18.84 0.33
C GLU B 40 -23.96 18.69 0.11
N GLU B 41 -24.39 18.07 -1.00
CA GLU B 41 -25.78 17.69 -1.25
C GLU B 41 -26.05 16.34 -0.61
N GLN B 42 -27.25 16.12 -0.06
CA GLN B 42 -27.54 14.77 0.47
C GLN B 42 -27.47 13.70 -0.63
N GLY B 43 -27.79 14.08 -1.89
CA GLY B 43 -27.79 13.16 -3.01
C GLY B 43 -26.44 12.90 -3.67
N SER B 44 -25.42 13.63 -3.24
CA SER B 44 -24.09 13.47 -3.78
C SER B 44 -23.55 12.07 -3.47
N ASP B 45 -22.52 11.71 -4.22
CA ASP B 45 -21.87 10.41 -4.11
C ASP B 45 -21.36 10.18 -2.69
N ALA B 46 -21.45 8.91 -2.26
CA ALA B 46 -21.18 8.46 -0.90
C ALA B 46 -20.08 7.43 -0.99
N ALA B 47 -18.91 7.77 -0.46
CA ALA B 47 -17.84 6.77 -0.36
C ALA B 47 -18.23 5.65 0.59
N LEU B 48 -19.02 5.97 1.60
CA LEU B 48 -19.38 5.06 2.66
C LEU B 48 -20.72 5.51 3.22
N HIS B 49 -21.64 4.58 3.28
CA HIS B 49 -22.90 4.72 4.00
C HIS B 49 -22.93 3.57 5.01
N PHE B 50 -22.89 3.91 6.29
CA PHE B 50 -22.81 2.96 7.41
C PHE B 50 -24.11 3.02 8.19
N ASN B 51 -24.93 1.98 8.13
CA ASN B 51 -26.33 2.14 8.55
C ASN B 51 -26.85 1.07 9.50
N PRO B 52 -26.61 1.23 10.81
CA PRO B 52 -27.18 0.32 11.81
C PRO B 52 -28.69 0.46 11.83
N ARG B 53 -29.36 -0.65 11.58
CA ARG B 53 -30.81 -0.68 11.59
C ARG B 53 -31.21 -1.56 12.77
N LEU B 54 -31.50 -0.90 13.88
CA LEU B 54 -31.92 -1.61 15.08
C LEU B 54 -33.26 -2.31 14.88
N ASP B 55 -34.12 -1.78 13.99
CA ASP B 55 -35.49 -2.28 13.81
C ASP B 55 -35.54 -3.59 13.01
N THR B 56 -34.70 -3.75 11.99
CA THR B 56 -34.56 -5.02 11.29
C THR B 56 -33.26 -5.79 11.62
N SER B 57 -32.64 -5.52 12.77
CA SER B 57 -31.44 -6.20 13.27
C SER B 57 -30.37 -6.42 12.20
N GLU B 58 -29.89 -5.33 11.61
CA GLU B 58 -28.81 -5.44 10.67
C GLU B 58 -27.97 -4.17 10.68
N VAL B 59 -26.74 -4.29 10.18
CA VAL B 59 -25.88 -3.17 9.89
C VAL B 59 -25.53 -3.25 8.42
N VAL B 60 -25.79 -2.20 7.68
CA VAL B 60 -25.58 -2.20 6.25
C VAL B 60 -24.50 -1.20 5.87
N PHE B 61 -23.72 -1.60 4.88
CA PHE B 61 -22.56 -0.92 4.37
C PHE B 61 -22.78 -0.78 2.87
N ASN B 62 -22.71 0.43 2.35
CA ASN B 62 -22.88 0.57 0.93
C ASN B 62 -22.28 1.90 0.54
N SER B 63 -22.22 2.10 -0.78
CA SER B 63 -21.81 3.35 -1.39
C SER B 63 -22.83 3.77 -2.44
N LYS B 64 -22.80 5.06 -2.78
CA LYS B 64 -23.72 5.68 -3.77
C LYS B 64 -22.87 6.32 -4.87
N GLU B 65 -23.31 6.29 -6.11
CA GLU B 65 -22.61 6.86 -7.25
C GLU B 65 -23.64 7.17 -8.33
N GLN B 66 -23.79 8.48 -8.63
CA GLN B 66 -24.74 9.02 -9.60
C GLN B 66 -26.18 8.66 -9.23
N GLY B 67 -26.46 8.73 -7.93
CA GLY B 67 -27.81 8.60 -7.44
C GLY B 67 -28.19 7.20 -7.07
N SER B 68 -27.37 6.19 -7.39
CA SER B 68 -27.88 4.82 -7.39
C SER B 68 -26.94 3.87 -6.66
N TRP B 69 -27.51 3.19 -5.65
CA TRP B 69 -26.79 2.41 -4.64
C TRP B 69 -25.96 1.29 -5.29
N GLY B 70 -24.94 0.82 -4.54
CA GLY B 70 -24.16 -0.34 -4.93
C GLY B 70 -24.51 -1.63 -4.21
N ARG B 71 -23.58 -2.59 -4.30
CA ARG B 71 -23.72 -3.93 -3.74
C ARG B 71 -23.64 -3.80 -2.23
N GLU B 72 -24.73 -4.06 -1.55
CA GLU B 72 -24.75 -3.88 -0.09
C GLU B 72 -23.92 -4.94 0.63
N GLU B 73 -23.38 -4.56 1.81
CA GLU B 73 -22.67 -5.49 2.67
C GLU B 73 -23.22 -5.45 4.08
N ARG B 74 -23.32 -6.62 4.72
CA ARG B 74 -23.83 -6.68 6.09
C ARG B 74 -22.72 -7.14 7.03
N GLY B 75 -22.68 -6.55 8.21
CA GLY B 75 -21.77 -7.00 9.22
C GLY B 75 -22.39 -8.12 10.02
N PRO B 76 -21.55 -8.90 10.76
CA PRO B 76 -22.05 -10.02 11.57
C PRO B 76 -22.74 -9.54 12.84
N GLY B 77 -24.09 -9.74 12.93
CA GLY B 77 -24.88 -9.39 14.11
C GLY B 77 -25.11 -7.89 14.20
N VAL B 78 -25.54 -7.37 15.34
CA VAL B 78 -25.68 -5.90 15.57
C VAL B 78 -24.86 -5.64 16.83
N PRO B 79 -23.74 -4.92 16.78
CA PRO B 79 -23.05 -4.57 18.04
C PRO B 79 -23.52 -3.22 18.58
N PHE B 80 -24.77 -2.91 18.33
CA PHE B 80 -25.45 -1.78 18.94
C PHE B 80 -26.68 -2.33 19.63
N GLN B 81 -27.07 -1.72 20.75
CA GLN B 81 -28.32 -2.12 21.46
C GLN B 81 -29.10 -0.87 21.86
N ARG B 82 -30.44 -0.87 21.75
CA ARG B 82 -31.24 0.24 22.26
C ARG B 82 -31.00 0.45 23.75
N GLY B 83 -30.77 1.69 24.16
CA GLY B 83 -30.51 2.01 25.56
C GLY B 83 -29.05 1.97 26.01
N GLN B 84 -28.10 1.80 25.09
CA GLN B 84 -26.76 1.38 25.42
C GLN B 84 -25.77 2.31 24.74
N PRO B 85 -24.77 2.78 25.48
CA PRO B 85 -23.73 3.61 24.86
C PRO B 85 -22.92 2.81 23.86
N PHE B 86 -22.25 3.54 22.97
CA PHE B 86 -21.45 2.86 21.97
C PHE B 86 -20.29 3.77 21.61
N GLU B 87 -19.30 3.17 20.94
CA GLU B 87 -18.11 3.85 20.46
C GLU B 87 -17.70 3.17 19.16
N VAL B 88 -17.56 4.00 18.12
CA VAL B 88 -17.23 3.53 16.78
C VAL B 88 -15.94 4.18 16.34
N LEU B 89 -15.27 3.49 15.43
CA LEU B 89 -14.04 3.94 14.81
C LEU B 89 -14.11 3.50 13.35
N ILE B 90 -14.13 4.45 12.45
CA ILE B 90 -14.08 4.20 11.01
C ILE B 90 -12.69 4.61 10.58
N ILE B 91 -11.95 3.66 10.02
CA ILE B 91 -10.51 3.73 9.88
C ILE B 91 -10.24 3.55 8.41
N ALA B 92 -9.60 4.53 7.80
CA ALA B 92 -9.32 4.49 6.38
C ALA B 92 -7.93 3.94 6.14
N SER B 93 -7.85 2.88 5.35
CA SER B 93 -6.60 2.33 4.85
C SER B 93 -6.62 2.53 3.35
N ASP B 94 -5.51 2.20 2.69
CA ASP B 94 -5.43 2.25 1.23
C ASP B 94 -6.43 1.32 0.55
N ASP B 95 -6.76 0.18 1.17
CA ASP B 95 -7.66 -0.81 0.57
C ASP B 95 -9.13 -0.69 1.00
N GLY B 96 -9.43 -0.03 2.10
CA GLY B 96 -10.81 -0.08 2.58
C GLY B 96 -10.97 0.63 3.90
N PHE B 97 -12.19 0.56 4.38
CA PHE B 97 -12.55 1.12 5.67
C PHE B 97 -12.69 -0.01 6.66
N LYS B 98 -12.17 0.20 7.86
CA LYS B 98 -12.34 -0.74 8.97
C LYS B 98 -13.30 -0.11 9.95
N ALA B 99 -14.40 -0.79 10.20
CA ALA B 99 -15.31 -0.41 11.27
C ALA B 99 -14.92 -1.18 12.51
N VAL B 100 -14.77 -0.47 13.62
CA VAL B 100 -14.44 -1.05 14.91
C VAL B 100 -15.54 -0.61 15.86
N VAL B 101 -16.28 -1.58 16.41
CA VAL B 101 -17.37 -1.30 17.31
C VAL B 101 -17.06 -1.90 18.67
N GLY B 102 -17.15 -1.08 19.69
CA GLY B 102 -16.64 -1.48 21.00
C GLY B 102 -15.22 -1.95 20.88
N ALA B 103 -14.90 -3.15 21.41
CA ALA B 103 -13.49 -3.60 21.52
C ALA B 103 -13.05 -4.49 20.36
N ALA B 104 -13.77 -4.57 19.23
CA ALA B 104 -13.43 -5.54 18.16
C ALA B 104 -13.68 -5.01 16.74
N GLN B 105 -12.86 -5.38 15.75
CA GLN B 105 -13.09 -5.02 14.33
C GLN B 105 -14.43 -5.69 13.95
N TYR B 106 -15.41 -4.94 13.46
CA TYR B 106 -16.75 -5.42 13.05
C TYR B 106 -16.74 -5.82 11.57
N HIS B 107 -16.27 -4.95 10.67
CA HIS B 107 -16.30 -5.21 9.24
C HIS B 107 -15.18 -4.44 8.57
N HIS B 108 -14.83 -4.88 7.36
CA HIS B 108 -13.93 -4.15 6.45
C HIS B 108 -14.62 -4.03 5.08
N PHE B 109 -14.77 -2.79 4.63
CA PHE B 109 -15.48 -2.41 3.42
C PHE B 109 -14.45 -1.86 2.46
N ARG B 110 -14.09 -2.65 1.44
CA ARG B 110 -13.18 -2.17 0.41
C ARG B 110 -13.73 -0.91 -0.26
N HIS B 111 -12.80 0.00 -0.55
CA HIS B 111 -13.17 1.28 -1.18
C HIS B 111 -13.81 1.06 -2.55
N ARG B 112 -14.78 1.92 -2.87
CA ARG B 112 -15.34 2.02 -4.20
C ARG B 112 -15.09 3.41 -4.81
N LEU B 113 -14.94 4.41 -3.98
CA LEU B 113 -14.67 5.76 -4.44
C LEU B 113 -13.37 6.25 -3.85
N PRO B 114 -12.61 7.04 -4.60
CA PRO B 114 -11.31 7.48 -4.11
C PRO B 114 -11.47 8.25 -2.80
N LEU B 115 -10.54 8.00 -1.87
CA LEU B 115 -10.56 8.70 -0.59
C LEU B 115 -10.41 10.20 -0.75
N ALA B 116 -9.71 10.64 -1.79
CA ALA B 116 -9.49 12.03 -2.10
C ALA B 116 -10.77 12.79 -2.42
N ARG B 117 -11.79 12.13 -2.98
CA ARG B 117 -13.10 12.76 -3.34
C ARG B 117 -13.95 13.06 -2.09
N VAL B 118 -13.67 12.45 -0.93
CA VAL B 118 -14.53 12.62 0.29
C VAL B 118 -14.49 14.08 0.75
N ARG B 119 -15.63 14.77 0.92
CA ARG B 119 -15.71 16.21 1.31
C ARG B 119 -16.68 16.48 2.48
N LEU B 120 -17.31 15.48 3.09
CA LEU B 120 -18.33 15.73 4.15
C LEU B 120 -18.51 14.53 5.08
N VAL B 121 -18.71 14.77 6.39
CA VAL B 121 -19.07 13.75 7.35
C VAL B 121 -20.44 14.11 7.90
N GLU B 122 -21.40 13.20 7.72
CA GLU B 122 -22.75 13.29 8.24
C GLU B 122 -22.92 12.13 9.22
N VAL B 123 -23.43 12.39 10.42
CA VAL B 123 -23.71 11.37 11.47
C VAL B 123 -25.10 11.71 12.03
N GLY B 124 -26.15 11.21 11.39
CA GLY B 124 -27.45 11.39 11.98
C GLY B 124 -28.34 10.16 11.97
N GLY B 125 -29.62 10.37 12.29
CA GLY B 125 -30.64 9.30 12.41
C GLY B 125 -31.19 9.29 13.82
N ASP B 126 -31.57 8.11 14.31
CA ASP B 126 -32.06 7.95 15.70
C ASP B 126 -30.84 7.62 16.56
N VAL B 127 -29.96 8.61 16.80
CA VAL B 127 -28.73 8.43 17.61
C VAL B 127 -28.62 9.66 18.50
N GLN B 128 -28.24 9.52 19.77
CA GLN B 128 -27.83 10.64 20.60
CA GLN B 128 -27.82 10.64 20.60
C GLN B 128 -26.30 10.68 20.58
N LEU B 129 -25.76 11.83 20.16
CA LEU B 129 -24.31 11.99 20.04
C LEU B 129 -23.72 12.65 21.27
N ASP B 130 -22.48 12.26 21.59
CA ASP B 130 -21.63 12.86 22.61
C ASP B 130 -20.36 13.45 22.01
N SER B 131 -19.78 12.78 21.01
CA SER B 131 -18.62 13.32 20.34
C SER B 131 -18.52 12.69 18.96
N VAL B 132 -17.89 13.41 18.05
CA VAL B 132 -17.58 12.93 16.70
C VAL B 132 -16.25 13.61 16.37
N ARG B 133 -15.22 12.82 16.13
CA ARG B 133 -13.84 13.26 16.02
C ARG B 133 -13.18 12.65 14.81
N ILE B 134 -12.50 13.50 14.03
CA ILE B 134 -11.65 13.07 12.92
C ILE B 134 -10.19 13.31 13.27
N PHE B 135 -9.35 12.27 13.15
CA PHE B 135 -7.95 12.30 13.63
C PHE B 135 -6.86 12.00 12.55
N VAL C 3 2.03 -6.03 34.74
CA VAL C 3 2.18 -7.07 33.73
C VAL C 3 2.53 -6.30 32.43
N PRO C 4 3.65 -6.61 31.76
CA PRO C 4 3.97 -5.93 30.49
C PRO C 4 3.25 -6.60 29.33
N HIS C 5 3.25 -5.92 28.18
CA HIS C 5 2.59 -6.43 26.99
C HIS C 5 3.59 -6.52 25.85
N LYS C 6 3.85 -7.73 25.34
CA LYS C 6 4.70 -7.97 24.13
C LYS C 6 3.82 -8.78 23.16
N SER C 7 3.53 -8.29 21.96
CA SER C 7 2.59 -8.86 21.00
C SER C 7 3.26 -8.88 19.64
N SER C 8 3.28 -10.01 18.98
CA SER C 8 3.94 -10.00 17.69
C SER C 8 2.98 -9.53 16.59
N LEU C 9 3.57 -9.20 15.44
CA LEU C 9 2.84 -8.71 14.26
C LEU C 9 3.55 -9.33 13.06
N PRO C 10 3.22 -10.57 12.70
CA PRO C 10 4.03 -11.24 11.67
C PRO C 10 3.86 -10.64 10.28
N GLU C 11 2.69 -10.09 9.99
CA GLU C 11 2.42 -9.44 8.70
C GLU C 11 2.55 -7.93 8.77
N GLY C 12 2.86 -7.37 9.93
CA GLY C 12 3.31 -5.99 10.01
C GLY C 12 2.19 -5.03 10.37
N ILE C 13 2.38 -3.78 9.94
CA ILE C 13 1.36 -2.74 10.04
C ILE C 13 1.40 -1.86 8.79
N ARG C 14 0.25 -1.66 8.15
CA ARG C 14 0.11 -0.80 6.94
C ARG C 14 -0.55 0.50 7.39
N PRO C 15 -0.52 1.59 6.61
CA PRO C 15 -1.29 2.80 6.93
C PRO C 15 -2.76 2.43 7.10
N GLY C 16 -3.36 2.89 8.18
CA GLY C 16 -4.64 2.44 8.61
C GLY C 16 -4.64 1.72 9.93
N THR C 17 -3.49 1.22 10.38
CA THR C 17 -3.45 0.44 11.60
C THR C 17 -3.55 1.37 12.79
N VAL C 18 -4.49 1.08 13.69
CA VAL C 18 -4.70 1.82 14.93
C VAL C 18 -4.31 0.89 16.05
N LEU C 19 -3.49 1.38 16.97
CA LEU C 19 -3.16 0.68 18.22
C LEU C 19 -3.94 1.41 19.30
N ARG C 20 -4.78 0.70 20.04
CA ARG C 20 -5.52 1.33 21.12
C ARG C 20 -5.14 0.69 22.46
N ILE C 21 -4.75 1.56 23.38
CA ILE C 21 -4.22 1.21 24.69
C ILE C 21 -5.10 1.88 25.74
N ARG C 22 -5.61 1.10 26.67
CA ARG C 22 -6.38 1.62 27.79
C ARG C 22 -5.73 1.14 29.07
N GLY C 23 -5.49 2.07 30.00
CA GLY C 23 -4.75 1.76 31.21
C GLY C 23 -5.06 2.66 32.38
N LEU C 24 -4.15 2.69 33.39
CA LEU C 24 -4.16 3.65 34.53
C LEU C 24 -2.70 3.89 34.94
N VAL C 25 -2.21 5.11 34.92
CA VAL C 25 -0.84 5.43 35.43
C VAL C 25 -0.88 5.06 36.92
N PRO C 26 0.09 4.33 37.49
CA PRO C 26 0.08 4.10 38.97
C PRO C 26 0.27 5.39 39.76
N PRO C 27 -0.17 5.43 41.02
CA PRO C 27 -0.01 6.66 41.82
C PRO C 27 1.45 7.03 42.19
N ASN C 28 2.41 6.11 42.15
CA ASN C 28 3.84 6.33 42.39
C ASN C 28 4.66 6.22 41.11
N ALA C 29 4.06 6.52 39.96
CA ALA C 29 4.67 6.18 38.67
C ALA C 29 5.79 7.12 38.32
N SER C 30 6.78 6.58 37.62
CA SER C 30 7.83 7.40 37.03
C SER C 30 7.55 7.60 35.56
N ARG C 31 7.56 6.51 34.79
CA ARG C 31 7.44 6.62 33.35
C ARG C 31 7.04 5.26 32.81
N PHE C 32 6.33 5.27 31.66
CA PHE C 32 6.07 4.06 30.91
C PHE C 32 6.36 4.30 29.44
N HIS C 33 6.36 3.22 28.70
CA HIS C 33 6.72 3.35 27.30
C HIS C 33 5.82 2.46 26.47
N VAL C 34 5.63 2.91 25.22
CA VAL C 34 5.03 2.13 24.17
C VAL C 34 6.02 2.03 23.01
N ASN C 35 6.31 0.80 22.56
CA ASN C 35 7.36 0.57 21.57
C ASN C 35 6.82 -0.16 20.36
N LEU C 36 7.18 0.32 19.18
CA LEU C 36 7.00 -0.38 17.91
C LEU C 36 8.38 -0.80 17.44
N LEU C 37 8.64 -2.10 17.47
CA LEU C 37 9.98 -2.67 17.36
C LEU C 37 10.09 -3.50 16.10
N CYS C 38 11.33 -3.68 15.64
CA CYS C 38 11.58 -4.42 14.42
C CYS C 38 12.04 -5.89 14.66
N GLY C 39 11.88 -6.42 15.86
CA GLY C 39 12.39 -7.79 16.15
C GLY C 39 12.07 -8.25 17.55
N GLU C 40 11.69 -9.53 17.72
CA GLU C 40 11.49 -10.11 19.05
C GLU C 40 12.78 -10.08 19.86
N GLU C 41 13.92 -10.02 19.17
CA GLU C 41 15.25 -9.87 19.82
C GLU C 41 15.30 -8.59 20.65
N GLN C 42 16.16 -8.52 21.67
CA GLN C 42 16.34 -7.33 22.51
C GLN C 42 17.33 -6.38 21.86
N GLY C 43 17.18 -5.10 22.22
CA GLY C 43 17.93 -4.03 21.56
C GLY C 43 17.59 -3.83 20.10
N SER C 44 16.52 -4.45 19.61
CA SER C 44 16.10 -4.26 18.23
C SER C 44 15.83 -2.78 17.91
N ASP C 45 16.01 -2.45 16.62
CA ASP C 45 15.55 -1.20 16.06
C ASP C 45 14.11 -0.93 16.52
N ALA C 46 13.82 0.36 16.71
CA ALA C 46 12.51 0.85 17.17
C ALA C 46 12.01 1.89 16.18
N ALA C 47 10.95 1.54 15.43
CA ALA C 47 10.32 2.50 14.54
C ALA C 47 9.81 3.68 15.34
N LEU C 48 9.21 3.41 16.50
CA LEU C 48 8.63 4.43 17.35
C LEU C 48 8.84 4.08 18.82
N HIS C 49 9.29 5.06 19.62
CA HIS C 49 9.35 4.95 21.08
C HIS C 49 8.47 6.07 21.66
N PHE C 50 7.37 5.68 22.28
CA PHE C 50 6.42 6.59 22.90
C PHE C 50 6.57 6.42 24.40
N ASN C 51 7.07 7.45 25.10
CA ASN C 51 7.58 7.30 26.45
C ASN C 51 7.16 8.47 27.33
N PRO C 52 5.98 8.38 27.95
CA PRO C 52 5.56 9.43 28.91
C PRO C 52 6.24 9.32 30.26
N ARG C 53 6.77 10.43 30.72
CA ARG C 53 7.59 10.47 31.92
C ARG C 53 6.92 11.38 32.94
N LEU C 54 6.40 10.79 34.03
CA LEU C 54 5.80 11.61 35.06
C LEU C 54 6.89 12.26 35.89
N ASP C 55 7.99 11.51 36.14
CA ASP C 55 9.08 12.03 36.97
C ASP C 55 9.59 13.39 36.48
N THR C 56 9.95 13.51 35.19
CA THR C 56 10.44 14.76 34.62
C THR C 56 9.38 15.58 33.87
N SER C 57 8.13 15.11 33.82
CA SER C 57 7.01 15.90 33.26
C SER C 57 7.29 16.35 31.84
N GLU C 58 7.50 15.36 30.98
CA GLU C 58 7.62 15.49 29.54
C GLU C 58 7.00 14.23 28.93
N VAL C 59 6.88 14.22 27.60
CA VAL C 59 6.53 13.01 26.86
C VAL C 59 7.46 12.92 25.65
N VAL C 60 8.25 11.87 25.57
CA VAL C 60 9.31 11.80 24.58
C VAL C 60 8.96 10.75 23.55
N PHE C 61 9.33 11.03 22.31
CA PHE C 61 9.08 10.22 21.13
C PHE C 61 10.42 10.05 20.47
N ASN C 62 10.78 8.83 20.08
CA ASN C 62 12.08 8.69 19.45
C ASN C 62 12.14 7.41 18.64
N SER C 63 13.29 7.18 17.99
CA SER C 63 13.57 5.96 17.23
C SER C 63 14.95 5.41 17.58
N LYS C 64 15.17 4.10 17.34
CA LYS C 64 16.50 3.50 17.64
C LYS C 64 16.99 2.80 16.37
N GLU C 65 18.28 2.79 16.09
CA GLU C 65 18.83 2.06 14.91
C GLU C 65 20.28 1.66 15.19
N GLN C 66 20.60 0.36 15.17
CA GLN C 66 21.98 -0.13 15.39
C GLN C 66 22.43 0.18 16.83
N GLY C 67 21.51 0.31 17.78
CA GLY C 67 21.81 0.56 19.21
C GLY C 67 21.82 2.03 19.60
N SER C 68 21.62 2.98 18.68
CA SER C 68 21.72 4.45 18.94
C SER C 68 20.34 5.13 18.89
N TRP C 69 19.91 5.83 19.94
CA TRP C 69 18.67 6.64 19.94
C TRP C 69 18.84 7.81 18.95
N GLY C 70 17.82 8.20 18.16
CA GLY C 70 17.86 9.29 17.21
C GLY C 70 17.63 10.62 17.88
N ARG C 71 17.18 11.60 17.10
CA ARG C 71 16.77 12.88 17.66
C ARG C 71 15.46 12.70 18.43
N GLU C 72 15.41 13.22 19.67
CA GLU C 72 14.18 13.20 20.45
C GLU C 72 13.18 14.23 19.93
N GLU C 73 11.89 13.91 20.03
CA GLU C 73 10.79 14.83 19.79
C GLU C 73 10.02 14.86 21.10
N ARG C 74 9.40 16.00 21.42
CA ARG C 74 8.67 16.18 22.70
C ARG C 74 7.25 16.67 22.41
N GLY C 75 6.23 16.07 23.03
CA GLY C 75 4.86 16.55 22.96
C GLY C 75 4.68 17.80 23.80
N PRO C 76 3.51 18.38 23.70
CA PRO C 76 3.23 19.59 24.48
C PRO C 76 2.58 19.38 25.84
N GLY C 77 3.37 19.45 26.92
CA GLY C 77 2.83 19.23 28.24
C GLY C 77 2.75 17.74 28.48
N VAL C 78 2.03 17.36 29.54
CA VAL C 78 1.90 15.95 29.87
C VAL C 78 0.46 15.52 30.08
N PRO C 79 -0.14 14.80 29.10
CA PRO C 79 -1.54 14.36 29.21
C PRO C 79 -1.70 13.08 30.02
N PHE C 80 -0.90 12.90 31.08
CA PHE C 80 -1.09 11.80 32.02
C PHE C 80 -0.88 12.32 33.43
N GLN C 81 -1.68 11.82 34.36
CA GLN C 81 -1.65 12.22 35.75
C GLN C 81 -1.54 10.93 36.57
N ARG C 82 -0.82 10.97 37.68
CA ARG C 82 -0.63 9.74 38.42
C ARG C 82 -1.97 9.28 39.03
N GLY C 83 -2.22 7.98 38.94
CA GLY C 83 -3.41 7.47 39.58
C GLY C 83 -4.68 7.84 38.87
N GLN C 84 -4.61 8.05 37.54
CA GLN C 84 -5.75 8.46 36.69
C GLN C 84 -5.76 7.59 35.43
N PRO C 85 -6.91 7.20 34.87
CA PRO C 85 -6.88 6.35 33.66
C PRO C 85 -6.63 7.19 32.42
N PHE C 86 -6.16 6.53 31.36
CA PHE C 86 -5.95 7.24 30.11
C PHE C 86 -6.48 6.36 28.99
N GLU C 87 -6.52 6.93 27.79
CA GLU C 87 -6.69 6.18 26.57
C GLU C 87 -5.70 6.75 25.58
N VAL C 88 -4.89 5.90 25.02
CA VAL C 88 -3.97 6.32 23.98
C VAL C 88 -4.40 5.70 22.67
N LEU C 89 -4.38 6.49 21.62
CA LEU C 89 -4.44 5.97 20.27
C LEU C 89 -3.13 6.33 19.61
N ILE C 90 -2.59 5.35 18.89
CA ILE C 90 -1.41 5.52 18.06
C ILE C 90 -1.77 5.10 16.66
N ILE C 91 -1.74 6.06 15.72
CA ILE C 91 -2.33 5.83 14.39
C ILE C 91 -1.26 5.90 13.28
N ALA C 92 -1.07 4.78 12.56
CA ALA C 92 -0.15 4.73 11.43
C ALA C 92 -0.80 5.25 10.13
N SER C 93 -0.13 6.25 9.54
CA SER C 93 -0.47 6.86 8.25
C SER C 93 0.64 6.58 7.27
N ASP C 94 0.46 7.01 6.02
CA ASP C 94 1.54 6.76 5.06
C ASP C 94 2.80 7.45 5.51
N ASP C 95 2.67 8.52 6.28
CA ASP C 95 3.83 9.32 6.57
C ASP C 95 4.17 9.43 8.05
N GLY C 96 3.59 8.61 8.91
CA GLY C 96 4.00 8.62 10.29
C GLY C 96 2.90 8.15 11.22
N PHE C 97 3.11 8.47 12.48
CA PHE C 97 2.31 8.01 13.59
C PHE C 97 1.68 9.21 14.26
N LYS C 98 0.37 9.17 14.45
CA LYS C 98 -0.38 10.14 15.21
C LYS C 98 -0.64 9.53 16.58
N ALA C 99 -0.27 10.27 17.59
CA ALA C 99 -0.54 9.91 18.96
C ALA C 99 -1.66 10.80 19.45
N VAL C 100 -2.78 10.17 19.75
CA VAL C 100 -3.99 10.79 20.26
C VAL C 100 -4.16 10.26 21.67
N VAL C 101 -4.50 11.14 22.58
CA VAL C 101 -4.62 10.83 24.00
C VAL C 101 -5.88 11.52 24.54
N GLY C 102 -6.72 10.75 25.20
CA GLY C 102 -7.93 11.39 25.67
C GLY C 102 -8.77 11.80 24.48
N ALA C 103 -9.14 13.06 24.38
CA ALA C 103 -9.97 13.47 23.27
C ALA C 103 -9.19 14.17 22.17
N ALA C 104 -7.87 14.26 22.29
CA ALA C 104 -7.10 15.17 21.44
C ALA C 104 -5.92 14.49 20.77
N GLN C 105 -5.63 14.94 19.55
CA GLN C 105 -4.37 14.60 18.92
C GLN C 105 -3.26 15.31 19.69
N TYR C 106 -2.21 14.59 20.01
CA TYR C 106 -1.18 15.10 20.89
C TYR C 106 0.03 15.53 20.07
N HIS C 107 0.45 14.66 19.16
CA HIS C 107 1.67 14.87 18.41
C HIS C 107 1.67 13.92 17.20
N HIS C 108 2.51 14.25 16.22
CA HIS C 108 2.70 13.43 15.03
C HIS C 108 4.19 13.24 14.85
N PHE C 109 4.62 11.99 14.59
CA PHE C 109 6.02 11.58 14.50
C PHE C 109 6.26 10.93 13.16
N ARG C 110 6.85 11.69 12.24
CA ARG C 110 7.01 11.24 10.84
C ARG C 110 7.86 9.96 10.79
N HIS C 111 7.55 9.07 9.84
CA HIS C 111 8.33 7.83 9.77
C HIS C 111 9.81 8.14 9.58
N ARG C 112 10.62 7.40 10.30
CA ARG C 112 12.05 7.31 10.05
C ARG C 112 12.43 5.93 9.54
N LEU C 113 12.05 4.89 10.23
CA LEU C 113 12.15 3.58 9.59
C LEU C 113 11.00 3.34 8.61
N PRO C 114 11.22 2.54 7.59
CA PRO C 114 10.08 2.03 6.81
C PRO C 114 9.07 1.39 7.74
N LEU C 115 7.77 1.75 7.57
CA LEU C 115 6.69 1.19 8.43
C LEU C 115 6.75 -0.36 8.34
N ALA C 116 7.21 -0.92 7.21
CA ALA C 116 7.28 -2.38 6.94
C ALA C 116 8.26 -3.12 7.86
N ARG C 117 9.09 -2.42 8.63
CA ARG C 117 10.10 -3.06 9.53
C ARG C 117 9.42 -3.35 10.89
N VAL C 118 8.35 -2.65 11.26
CA VAL C 118 7.62 -2.86 12.55
C VAL C 118 7.03 -4.28 12.56
N ARG C 119 7.56 -5.21 13.35
CA ARG C 119 7.02 -6.60 13.49
C ARG C 119 6.76 -6.84 14.99
N LEU C 120 6.71 -5.81 15.87
CA LEU C 120 6.46 -6.12 17.27
C LEU C 120 6.02 -4.90 18.06
N VAL C 121 5.12 -5.14 19.04
CA VAL C 121 4.53 -4.12 19.90
C VAL C 121 4.82 -4.49 21.35
N GLU C 122 5.40 -3.57 22.08
CA GLU C 122 5.81 -3.77 23.46
C GLU C 122 5.28 -2.58 24.22
N VAL C 123 4.69 -2.82 25.38
CA VAL C 123 4.08 -1.76 26.18
C VAL C 123 4.31 -2.09 27.64
N GLY C 124 5.16 -1.34 28.32
CA GLY C 124 5.41 -1.64 29.72
C GLY C 124 5.90 -0.45 30.51
N GLY C 125 6.46 -0.76 31.69
CA GLY C 125 6.94 0.25 32.62
C GLY C 125 5.97 0.43 33.78
N ASP C 126 5.95 1.64 34.37
CA ASP C 126 4.97 2.00 35.39
C ASP C 126 3.54 2.26 34.90
N VAL C 127 2.98 1.25 34.24
CA VAL C 127 1.60 1.32 33.69
C VAL C 127 0.79 0.05 34.02
N GLN C 128 -0.44 0.20 34.47
CA GLN C 128 -1.35 -0.92 34.66
C GLN C 128 -2.18 -1.00 33.39
N LEU C 129 -2.19 -2.16 32.72
CA LEU C 129 -2.85 -2.27 31.42
C LEU C 129 -4.26 -2.83 31.60
N ASP C 130 -5.26 -2.08 31.08
CA ASP C 130 -6.59 -2.64 30.92
C ASP C 130 -6.69 -3.41 29.62
N SER C 131 -6.36 -2.75 28.53
CA SER C 131 -6.46 -3.39 27.22
C SER C 131 -5.41 -2.80 26.31
N VAL C 132 -4.78 -3.64 25.49
CA VAL C 132 -3.81 -3.25 24.43
C VAL C 132 -4.27 -4.04 23.18
N ARG C 133 -5.00 -3.39 22.25
CA ARG C 133 -5.53 -3.99 21.03
C ARG C 133 -4.93 -3.40 19.76
N ILE C 134 -4.88 -4.17 18.66
CA ILE C 134 -4.49 -3.56 17.35
C ILE C 134 -5.58 -3.90 16.35
N PHE C 135 -5.98 -2.94 15.54
CA PHE C 135 -7.08 -3.12 14.58
C PHE C 135 -6.78 -2.93 13.07
N ASN D 2 17.49 -15.27 -21.13
CA ASN D 2 17.65 -16.70 -21.51
C ASN D 2 16.83 -17.60 -20.58
N VAL D 3 17.44 -18.65 -20.02
CA VAL D 3 16.78 -19.59 -19.07
C VAL D 3 16.64 -18.90 -17.72
N PRO D 4 15.59 -19.13 -16.94
CA PRO D 4 15.57 -18.59 -15.57
C PRO D 4 16.04 -19.58 -14.50
N HIS D 5 16.44 -19.04 -13.36
CA HIS D 5 16.79 -19.88 -12.22
C HIS D 5 15.72 -19.75 -11.15
N LYS D 6 15.03 -20.85 -10.84
CA LYS D 6 14.20 -20.93 -9.65
C LYS D 6 14.71 -22.10 -8.84
N SER D 7 15.00 -21.90 -7.53
CA SER D 7 15.65 -22.92 -6.65
C SER D 7 15.11 -22.93 -5.22
N SER D 8 14.71 -24.09 -4.70
CA SER D 8 14.32 -24.17 -3.27
C SER D 8 15.59 -24.06 -2.43
N LEU D 9 15.49 -23.57 -1.19
CA LEU D 9 16.69 -23.28 -0.33
C LEU D 9 17.04 -24.54 0.47
N PRO D 10 18.32 -24.82 0.79
CA PRO D 10 18.71 -26.05 1.46
C PRO D 10 18.71 -25.93 2.99
N GLU D 11 18.76 -24.71 3.52
CA GLU D 11 18.80 -24.45 4.98
C GLU D 11 18.13 -23.09 5.19
N GLY D 12 17.11 -22.80 4.40
CA GLY D 12 16.49 -21.47 4.40
C GLY D 12 17.48 -20.37 4.12
N ILE D 13 17.20 -19.16 4.59
CA ILE D 13 18.17 -18.05 4.44
C ILE D 13 18.52 -17.55 5.84
N ARG D 14 19.68 -17.93 6.37
CA ARG D 14 19.98 -17.51 7.75
C ARG D 14 21.23 -16.62 7.67
N PRO D 15 21.57 -15.90 8.73
CA PRO D 15 22.79 -15.07 8.80
C PRO D 15 24.05 -15.84 8.47
N GLY D 16 24.57 -15.64 7.26
CA GLY D 16 25.72 -16.41 6.78
C GLY D 16 25.48 -17.03 5.41
N THR D 17 24.27 -16.90 4.87
CA THR D 17 23.93 -17.46 3.54
C THR D 17 24.47 -16.50 2.49
N VAL D 18 25.15 -16.98 1.45
CA VAL D 18 25.79 -16.11 0.41
C VAL D 18 25.36 -16.61 -0.98
N LEU D 19 24.46 -15.93 -1.66
CA LEU D 19 24.08 -16.27 -3.01
C LEU D 19 25.06 -15.57 -3.93
N ARG D 20 25.75 -16.32 -4.79
CA ARG D 20 26.60 -15.71 -5.80
C ARG D 20 26.05 -15.98 -7.21
N ILE D 21 25.90 -14.89 -7.96
CA ILE D 21 25.40 -14.95 -9.33
C ILE D 21 26.50 -14.38 -10.23
N ARG D 22 26.95 -15.19 -11.18
CA ARG D 22 27.89 -14.81 -12.22
C ARG D 22 27.13 -14.93 -13.53
N GLY D 23 27.32 -13.98 -14.45
CA GLY D 23 26.66 -14.09 -15.72
C GLY D 23 27.08 -12.93 -16.57
N LEU D 24 26.21 -12.60 -17.57
CA LEU D 24 26.34 -11.46 -18.47
C LEU D 24 24.96 -10.84 -18.72
N VAL D 25 24.95 -9.53 -18.89
CA VAL D 25 23.76 -8.81 -19.35
C VAL D 25 23.69 -8.80 -20.87
N PRO D 26 22.67 -9.42 -21.46
CA PRO D 26 22.50 -9.38 -22.93
C PRO D 26 22.61 -7.98 -23.52
N PRO D 27 23.12 -7.87 -24.77
CA PRO D 27 23.26 -6.51 -25.40
C PRO D 27 21.96 -5.77 -25.65
N ASN D 28 20.81 -6.46 -25.67
CA ASN D 28 19.52 -5.81 -25.86
C ASN D 28 18.69 -5.84 -24.58
N ALA D 29 19.35 -5.88 -23.42
CA ALA D 29 18.69 -6.08 -22.15
C ALA D 29 17.84 -4.89 -21.80
N SER D 30 16.72 -5.15 -21.13
CA SER D 30 15.93 -4.07 -20.53
C SER D 30 16.06 -4.10 -19.01
N ARG D 31 15.59 -5.17 -18.37
CA ARG D 31 15.74 -5.28 -16.93
C ARG D 31 15.75 -6.74 -16.54
N PHE D 32 16.45 -7.04 -15.43
CA PHE D 32 16.43 -8.39 -14.86
C PHE D 32 16.30 -8.28 -13.35
N HIS D 33 16.07 -9.42 -12.69
CA HIS D 33 15.75 -9.37 -11.27
C HIS D 33 16.31 -10.57 -10.53
N VAL D 34 16.56 -10.35 -9.25
CA VAL D 34 16.83 -11.43 -8.31
C VAL D 34 15.76 -11.39 -7.24
N ASN D 35 15.04 -12.51 -7.05
CA ASN D 35 14.04 -12.54 -6.00
C ASN D 35 14.38 -13.58 -4.94
N LEU D 36 14.07 -13.22 -3.68
CA LEU D 36 14.15 -14.09 -2.51
C LEU D 36 12.68 -14.18 -2.12
N LEU D 37 11.94 -15.18 -2.61
CA LEU D 37 10.51 -15.30 -2.47
C LEU D 37 10.21 -16.15 -1.24
N CYS D 38 9.09 -15.86 -0.61
CA CYS D 38 8.63 -16.64 0.54
C CYS D 38 7.66 -17.75 0.17
N GLY D 39 7.46 -18.02 -1.11
CA GLY D 39 6.46 -18.97 -1.51
C GLY D 39 6.64 -19.33 -2.96
N GLU D 40 6.01 -20.43 -3.34
CA GLU D 40 6.13 -20.97 -4.69
C GLU D 40 5.20 -20.29 -5.68
N GLU D 41 4.11 -19.67 -5.25
CA GLU D 41 3.19 -19.23 -6.28
C GLU D 41 3.49 -17.78 -6.68
N GLN D 42 2.70 -17.30 -7.63
CA GLN D 42 2.96 -16.15 -8.48
C GLN D 42 2.29 -14.93 -7.86
N GLY D 43 3.08 -13.89 -7.59
CA GLY D 43 2.65 -12.80 -6.75
C GLY D 43 2.99 -12.97 -5.28
N SER D 44 3.66 -14.05 -4.90
CA SER D 44 3.94 -14.32 -3.50
C SER D 44 4.87 -13.28 -2.88
N ASP D 45 4.70 -13.09 -1.57
CA ASP D 45 5.51 -12.19 -0.78
C ASP D 45 7.01 -12.41 -1.02
N ALA D 46 7.77 -11.32 -1.02
CA ALA D 46 9.19 -11.36 -1.34
C ALA D 46 9.97 -10.51 -0.35
N ALA D 47 10.95 -11.15 0.34
CA ALA D 47 11.76 -10.41 1.30
C ALA D 47 12.68 -9.43 0.60
N LEU D 48 13.15 -9.79 -0.58
CA LEU D 48 14.07 -8.99 -1.39
C LEU D 48 13.64 -9.06 -2.86
N HIS D 49 13.46 -7.90 -3.44
CA HIS D 49 13.33 -7.73 -4.86
C HIS D 49 14.50 -6.83 -5.20
N PHE D 50 15.32 -7.27 -6.15
CA PHE D 50 16.57 -6.63 -6.51
C PHE D 50 16.51 -6.49 -8.02
N ASN D 51 16.24 -5.30 -8.58
CA ASN D 51 15.91 -5.15 -10.02
C ASN D 51 16.76 -4.09 -10.71
N PRO D 52 17.92 -4.49 -11.26
CA PRO D 52 18.66 -3.65 -12.23
C PRO D 52 17.88 -3.40 -13.50
N ARG D 53 17.65 -2.13 -13.76
CA ARG D 53 16.93 -1.70 -14.93
C ARG D 53 17.88 -0.86 -15.78
N LEU D 54 18.33 -1.38 -16.92
CA LEU D 54 19.20 -0.64 -17.87
C LEU D 54 18.31 0.36 -18.63
N ASP D 55 17.04 0.03 -18.89
CA ASP D 55 16.09 0.87 -19.69
C ASP D 55 15.80 2.21 -19.00
N THR D 56 15.75 2.26 -17.67
CA THR D 56 15.46 3.48 -16.92
C THR D 56 16.63 3.84 -16.00
N SER D 57 17.85 3.44 -16.35
CA SER D 57 19.11 3.73 -15.62
C SER D 57 18.94 3.82 -14.10
N GLU D 58 18.62 2.69 -13.45
CA GLU D 58 18.43 2.58 -12.01
C GLU D 58 18.54 1.13 -11.54
N VAL D 59 18.78 0.95 -10.23
CA VAL D 59 18.62 -0.34 -9.56
C VAL D 59 17.63 -0.18 -8.41
N VAL D 60 16.51 -0.94 -8.43
CA VAL D 60 15.55 -0.80 -7.34
C VAL D 60 15.72 -1.98 -6.40
N PHE D 61 15.47 -1.73 -5.12
CA PHE D 61 15.44 -2.71 -4.05
C PHE D 61 14.09 -2.55 -3.40
N ASN D 62 13.36 -3.63 -3.16
CA ASN D 62 12.13 -3.50 -2.38
C ASN D 62 11.66 -4.86 -1.85
N SER D 63 10.64 -4.80 -1.02
CA SER D 63 9.94 -5.95 -0.48
C SER D 63 8.46 -5.89 -0.92
N LYS D 64 7.84 -7.05 -1.09
CA LYS D 64 6.44 -7.16 -1.44
C LYS D 64 5.73 -7.99 -0.39
N GLU D 65 4.61 -7.47 0.12
CA GLU D 65 3.76 -8.21 1.06
C GLU D 65 2.30 -8.04 0.65
N GLN D 66 1.62 -9.16 0.42
CA GLN D 66 0.19 -9.15 0.12
C GLN D 66 -0.10 -8.43 -1.20
N GLY D 67 0.78 -8.63 -2.19
CA GLY D 67 0.75 -7.89 -3.42
C GLY D 67 1.19 -6.44 -3.36
N SER D 68 1.48 -5.89 -2.16
CA SER D 68 1.73 -4.45 -2.00
C SER D 68 3.22 -4.15 -1.81
N TRP D 69 3.81 -3.47 -2.77
CA TRP D 69 5.22 -3.09 -2.69
C TRP D 69 5.44 -2.11 -1.53
N GLY D 70 6.59 -2.26 -0.85
CA GLY D 70 7.00 -1.39 0.25
C GLY D 70 7.74 -0.16 -0.22
N ARG D 71 8.52 0.44 0.69
CA ARG D 71 9.28 1.63 0.32
C ARG D 71 10.47 1.27 -0.56
N GLU D 72 10.49 1.78 -1.80
CA GLU D 72 11.58 1.48 -2.72
C GLU D 72 12.88 2.18 -2.31
N GLU D 73 13.99 1.46 -2.45
CA GLU D 73 15.32 2.03 -2.31
C GLU D 73 16.09 1.87 -3.61
N ARG D 74 17.19 2.63 -3.73
CA ARG D 74 17.83 2.78 -5.04
C ARG D 74 19.33 2.72 -4.85
N GLY D 75 20.06 1.98 -5.68
CA GLY D 75 21.51 1.92 -5.50
C GLY D 75 22.21 3.17 -6.00
N PRO D 76 23.53 3.27 -5.73
CA PRO D 76 24.29 4.34 -6.40
C PRO D 76 24.43 3.92 -7.87
N GLY D 77 23.84 4.63 -8.84
CA GLY D 77 24.14 4.34 -10.26
C GLY D 77 23.69 2.95 -10.77
N VAL D 78 24.17 2.58 -11.95
CA VAL D 78 23.95 1.26 -12.52
C VAL D 78 25.29 0.56 -12.75
N PRO D 79 25.67 -0.35 -11.84
CA PRO D 79 26.90 -1.12 -12.03
C PRO D 79 26.57 -2.32 -12.88
N PHE D 80 25.86 -2.09 -14.01
CA PHE D 80 25.51 -3.16 -14.94
C PHE D 80 25.52 -2.54 -16.32
N GLN D 81 26.10 -3.28 -17.27
CA GLN D 81 26.33 -2.83 -18.64
C GLN D 81 25.76 -3.81 -19.63
N ARG D 82 25.06 -3.32 -20.68
CA ARG D 82 24.64 -4.25 -21.72
C ARG D 82 25.87 -4.85 -22.41
N GLY D 83 25.80 -6.16 -22.66
CA GLY D 83 26.89 -6.84 -23.33
C GLY D 83 28.06 -7.16 -22.45
N GLN D 84 27.93 -7.11 -21.12
CA GLN D 84 29.08 -7.29 -20.23
C GLN D 84 28.83 -8.26 -19.08
N PRO D 85 29.84 -9.03 -18.69
CA PRO D 85 29.69 -9.92 -17.53
C PRO D 85 29.51 -9.16 -16.22
N PHE D 86 28.92 -9.86 -15.25
CA PHE D 86 28.75 -9.28 -13.94
C PHE D 86 28.88 -10.42 -12.93
N GLU D 87 29.22 -10.04 -11.69
CA GLU D 87 29.27 -11.00 -10.60
C GLU D 87 28.70 -10.27 -9.40
N VAL D 88 27.64 -10.86 -8.86
CA VAL D 88 26.84 -10.28 -7.81
C VAL D 88 26.79 -11.28 -6.67
N LEU D 89 26.97 -10.78 -5.45
CA LEU D 89 26.79 -11.54 -4.22
C LEU D 89 25.69 -10.91 -3.39
N ILE D 90 24.75 -11.70 -2.90
CA ILE D 90 23.77 -11.24 -1.91
C ILE D 90 24.03 -11.98 -0.58
N ILE D 91 24.39 -11.22 0.44
CA ILE D 91 24.76 -11.81 1.73
C ILE D 91 23.69 -11.42 2.74
N ALA D 92 23.11 -12.44 3.37
CA ALA D 92 22.15 -12.26 4.45
C ALA D 92 22.90 -12.20 5.77
N SER D 93 22.92 -11.00 6.36
CA SER D 93 23.23 -10.75 7.76
C SER D 93 21.91 -10.76 8.51
N ASP D 94 21.99 -10.66 9.82
CA ASP D 94 20.86 -10.46 10.72
C ASP D 94 20.39 -9.01 10.80
N ASP D 95 21.00 -8.07 10.06
CA ASP D 95 20.49 -6.71 9.93
C ASP D 95 19.74 -6.49 8.62
N GLY D 96 20.39 -6.75 7.49
CA GLY D 96 19.71 -6.84 6.24
C GLY D 96 20.39 -7.79 5.27
N PHE D 97 20.12 -7.57 3.98
CA PHE D 97 20.82 -8.20 2.87
C PHE D 97 21.79 -7.19 2.31
N LYS D 98 22.96 -7.67 1.89
CA LYS D 98 24.04 -6.84 1.41
C LYS D 98 24.33 -7.21 -0.04
N ALA D 99 24.04 -6.31 -0.97
CA ALA D 99 24.36 -6.57 -2.37
C ALA D 99 25.79 -6.14 -2.67
N VAL D 100 26.59 -7.06 -3.17
CA VAL D 100 27.96 -6.78 -3.60
C VAL D 100 28.02 -7.03 -5.09
N VAL D 101 28.37 -5.99 -5.86
CA VAL D 101 28.46 -6.08 -7.32
C VAL D 101 29.92 -5.96 -7.73
N GLY D 102 30.41 -6.97 -8.42
CA GLY D 102 31.79 -6.98 -8.85
C GLY D 102 32.72 -7.04 -7.66
N ALA D 103 33.33 -5.90 -7.34
CA ALA D 103 34.37 -5.83 -6.33
C ALA D 103 34.01 -4.97 -5.14
N ALA D 104 32.86 -4.32 -5.13
CA ALA D 104 32.50 -3.40 -4.06
C ALA D 104 31.08 -3.63 -3.57
N GLN D 105 30.88 -3.38 -2.28
CA GLN D 105 29.51 -3.33 -1.77
C GLN D 105 28.73 -2.25 -2.52
N TYR D 106 27.46 -2.55 -2.82
CA TYR D 106 26.60 -1.66 -3.59
C TYR D 106 25.48 -1.06 -2.77
N HIS D 107 24.77 -1.84 -1.96
CA HIS D 107 23.64 -1.36 -1.18
C HIS D 107 23.35 -2.39 -0.09
N HIS D 108 22.67 -1.92 0.93
CA HIS D 108 22.32 -2.75 2.06
C HIS D 108 20.84 -2.50 2.32
N PHE D 109 20.07 -3.56 2.24
CA PHE D 109 18.63 -3.54 2.41
C PHE D 109 18.34 -4.15 3.78
N ARG D 110 17.90 -3.33 4.73
CA ARG D 110 17.47 -3.84 6.02
C ARG D 110 16.29 -4.79 5.88
N HIS D 111 16.29 -5.86 6.67
CA HIS D 111 15.19 -6.81 6.57
C HIS D 111 13.88 -6.11 6.85
N ARG D 112 12.85 -6.55 6.15
CA ARG D 112 11.49 -6.14 6.44
C ARG D 112 10.67 -7.35 6.82
N LEU D 113 10.62 -8.33 5.94
CA LEU D 113 9.90 -9.61 6.20
C LEU D 113 10.82 -10.46 7.07
N PRO D 114 10.32 -11.36 7.89
CA PRO D 114 11.25 -12.23 8.66
C PRO D 114 12.01 -13.21 7.78
N LEU D 115 13.32 -13.42 8.10
CA LEU D 115 14.19 -14.33 7.31
C LEU D 115 13.52 -15.72 7.29
N ALA D 116 12.62 -16.01 8.25
CA ALA D 116 11.94 -17.30 8.33
C ALA D 116 11.02 -17.56 7.14
N ARG D 117 10.63 -16.50 6.45
CA ARG D 117 9.62 -16.71 5.38
C ARG D 117 10.30 -17.08 4.06
N VAL D 118 11.57 -16.74 3.84
CA VAL D 118 12.18 -16.91 2.52
C VAL D 118 12.52 -18.38 2.30
N ARG D 119 11.91 -19.02 1.29
CA ARG D 119 12.14 -20.46 0.97
C ARG D 119 12.39 -20.62 -0.54
N LEU D 120 12.70 -19.55 -1.28
CA LEU D 120 12.93 -19.68 -2.71
C LEU D 120 13.76 -18.51 -3.25
N VAL D 121 14.61 -18.87 -4.20
CA VAL D 121 15.45 -17.96 -4.96
C VAL D 121 14.99 -18.00 -6.40
N GLU D 122 14.74 -16.83 -6.98
CA GLU D 122 14.48 -16.68 -8.40
C GLU D 122 15.44 -15.65 -9.00
N VAL D 123 16.01 -15.97 -10.14
CA VAL D 123 16.73 -15.00 -10.95
C VAL D 123 16.25 -15.13 -12.39
N GLY D 124 15.63 -14.07 -12.92
CA GLY D 124 15.29 -14.02 -14.33
C GLY D 124 15.22 -12.63 -14.96
N GLY D 125 14.60 -12.54 -16.15
CA GLY D 125 14.61 -11.31 -16.94
C GLY D 125 15.57 -11.40 -18.11
N ASP D 126 16.12 -10.26 -18.55
CA ASP D 126 17.04 -10.27 -19.69
C ASP D 126 18.47 -10.43 -19.15
N VAL D 127 18.74 -11.62 -18.64
CA VAL D 127 20.05 -11.96 -18.01
C VAL D 127 20.47 -13.35 -18.53
N GLN D 128 21.68 -13.51 -19.04
CA GLN D 128 22.27 -14.77 -19.46
C GLN D 128 23.12 -15.27 -18.29
N LEU D 129 22.77 -16.44 -17.75
CA LEU D 129 23.33 -16.88 -16.48
C LEU D 129 24.43 -17.91 -16.67
N ASP D 130 25.55 -17.71 -15.98
CA ASP D 130 26.60 -18.72 -15.94
C ASP D 130 26.39 -19.66 -14.75
N SER D 131 26.35 -19.10 -13.54
CA SER D 131 26.27 -19.89 -12.32
C SER D 131 25.43 -19.18 -11.26
N VAL D 132 24.64 -19.97 -10.51
CA VAL D 132 23.88 -19.49 -9.35
C VAL D 132 24.09 -20.48 -8.20
N ARG D 133 24.83 -20.05 -7.17
CA ARG D 133 25.22 -20.89 -6.05
C ARG D 133 24.71 -20.28 -4.76
N ILE D 134 24.14 -21.12 -3.90
CA ILE D 134 23.82 -20.75 -2.53
C ILE D 134 24.83 -21.41 -1.59
N PHE D 135 25.53 -20.59 -0.80
CA PHE D 135 26.56 -21.05 0.11
C PHE D 135 26.06 -20.89 1.56
C1 GLC E . 11.67 10.36 -16.95
C2 GLC E . 10.30 10.16 -17.59
C3 GLC E . 9.62 8.94 -17.07
C4 GLC E . 10.44 7.69 -17.27
C5 GLC E . 11.70 7.88 -16.39
C6 GLC E . 12.73 6.80 -16.39
O1 GLC E . 11.57 10.86 -15.67
O2 GLC E . 9.58 11.40 -17.42
O3 GLC E . 8.28 8.93 -17.69
O4 GLC E . 9.62 6.68 -16.74
O5 GLC E . 12.47 9.09 -16.76
O6 GLC E . 13.39 6.87 -15.11
H1 GLC E . 12.12 10.95 -17.58
H2 GLC E . 10.35 9.96 -18.55
H3 GLC E . 9.52 8.96 -16.11
H4 GLC E . 10.71 7.50 -18.18
H5 GLC E . 11.28 7.92 -15.52
H61 GLC E . 13.36 6.92 -17.11
H62 GLC E . 12.32 5.93 -16.52
HO1 GLC E . 10.86 11.31 -15.61
HO2 GLC E . 9.38 11.71 -18.18
HO3 GLC E . 8.35 8.72 -18.50
HO6 GLC E . 13.48 7.68 -14.89
C1 GAL E . 9.68 5.48 -17.45
C2 GAL E . 8.97 4.39 -16.65
C3 GAL E . 8.74 3.17 -17.47
C4 GAL E . 7.86 3.55 -18.64
C5 GAL E . 8.62 4.47 -19.56
C6 GAL E . 7.83 5.17 -20.67
O2 GAL E . 9.88 4.23 -15.55
O3 GAL E . 8.07 2.08 -16.80
O4 GAL E . 6.64 4.21 -18.27
O5 GAL E . 9.19 5.64 -18.87
O6 GAL E . 8.66 6.04 -21.39
H1 GAL E . 10.61 5.19 -17.55
H2 GAL E . 8.07 4.60 -16.37
H3 GAL E . 9.63 2.86 -17.71
H4 GAL E . 7.61 2.72 -19.07
H5 GAL E . 9.24 3.83 -19.92
H61 GAL E . 7.09 5.67 -20.28
H62 GAL E . 7.46 4.51 -21.27
HO2 GAL E . 10.18 4.98 -15.33
HO3 GAL E . 7.98 1.43 -17.33
HO4 GAL E . 6.00 3.87 -18.70
HO6 GAL E . 8.95 6.64 -20.88
C1 GLC F . -33.50 -3.74 -0.06
C2 GLC F . -32.43 -3.78 1.05
C3 GLC F . -32.50 -2.47 1.73
C4 GLC F . -32.48 -1.21 0.93
C5 GLC F . -33.51 -1.29 -0.25
C6 GLC F . -33.02 -0.29 -1.26
O1 GLC F . -34.75 -3.68 0.55
O2 GLC F . -32.63 -4.84 2.02
O3 GLC F . -31.32 -2.55 2.51
O4 GLC F . -32.85 -0.14 1.81
O5 GLC F . -33.61 -2.55 -0.96
O6 GLC F . -33.58 -0.38 -2.56
H1 GLC F . -33.24 -4.52 -0.58
H2 GLC F . -31.57 -3.94 0.64
H3 GLC F . -33.37 -2.39 2.17
H4 GLC F . -31.60 -1.07 0.56
H5 GLC F . -34.38 -1.14 0.14
H61 GLC F . -32.06 -0.40 -1.34
H62 GLC F . -33.18 0.59 -0.90
HO1 GLC F . -34.69 -4.00 1.32
HO2 GLC F . -32.60 -4.53 2.79
HO3 GLC F . -30.66 -2.59 2.00
HO6 GLC F . -33.82 -1.17 -2.71
C1 GAL F . -32.15 0.96 1.43
C2 GAL F . -32.38 2.18 2.27
C3 GAL F . -31.36 3.21 1.92
C4 GAL F . -29.97 2.73 2.24
C5 GAL F . -29.66 1.52 1.33
C6 GAL F . -28.31 0.89 1.58
O2 GAL F . -33.69 2.71 2.05
O3 GAL F . -31.68 4.45 2.59
O4 GAL F . -29.81 2.43 3.65
O5 GAL F . -30.71 0.51 1.46
O6 GAL F . -27.87 0.30 0.41
H1 GAL F . -32.45 1.25 0.55
H2 GAL F . -32.29 1.93 3.20
H3 GAL F . -31.37 3.38 0.96
H4 GAL F . -29.32 3.42 2.06
H5 GAL F . -29.64 1.88 0.42
H61 GAL F . -28.38 0.22 2.28
H62 GAL F . -27.68 1.56 1.88
HO2 GAL F . -33.68 3.56 2.14
HO3 GAL F . -31.11 5.03 2.40
HO4 GAL F . -29.12 2.81 3.94
HO6 GAL F . -28.52 -0.02 -0.01
C1 GLC G . 18.96 13.41 27.51
C2 GLC G . 17.54 13.18 26.96
C3 GLC G . 17.02 11.88 27.50
C4 GLC G . 17.72 10.58 27.29
C5 GLC G . 19.19 10.86 27.73
C6 GLC G . 20.03 9.74 27.18
O1 GLC G . 18.92 13.75 28.84
O2 GLC G . 16.71 14.19 27.49
O3 GLC G . 15.67 11.68 27.06
O4 GLC G . 17.06 9.60 28.08
O5 GLC G . 19.77 12.14 27.28
O6 GLC G . 21.04 9.43 28.11
H1 GLC G . 19.38 14.15 27.04
H2 GLC G . 17.57 13.17 26.00
H3 GLC G . 17.15 12.04 28.45
H4 GLC G . 17.71 10.25 26.37
H5 GLC G . 19.16 10.91 28.70
H61 GLC G . 20.42 10.00 26.33
H62 GLC G . 19.48 8.95 27.01
HO1 GLC G . 18.20 14.13 29.01
HO2 GLC G . 16.17 13.86 28.05
HO3 GLC G . 15.67 11.48 26.23
HO6 GLC G . 21.52 8.80 27.80
C1 GAL G . 16.86 8.48 27.28
C2 GAL G . 16.40 7.27 28.06
C3 GAL G . 15.93 6.09 27.28
C4 GAL G . 14.86 6.39 26.25
C5 GAL G . 15.44 7.47 25.38
C6 GAL G . 14.47 8.00 24.34
O2 GAL G . 17.57 6.90 28.80
O3 GAL G . 15.22 5.13 28.12
O4 GAL G . 13.65 6.80 26.90
O5 GAL G . 15.85 8.67 26.17
O6 GAL G . 15.18 9.04 23.76
H1 GAL G . 17.75 8.35 26.90
H2 GAL G . 15.61 7.51 28.58
H3 GAL G . 16.74 5.77 26.88
H4 GAL G . 14.62 5.62 25.72
H5 GAL G . 16.20 7.04 24.97
H61 GAL G . 13.65 8.30 24.73
H62 GAL G . 14.24 7.33 23.69
HO2 GAL G . 17.40 6.22 29.27
HO3 GAL G . 14.66 5.54 28.60
HO4 GAL G . 12.99 6.44 26.52
HO6 GAL G . 15.28 9.66 24.32
C1 GLC H . 6.98 3.75 -9.62
C2 GLC H . 8.38 3.14 -9.45
C3 GLC H . 8.47 1.82 -10.13
C4 GLC H . 7.30 0.91 -9.92
C5 GLC H . 5.98 1.64 -10.35
C6 GLC H . 4.78 0.77 -10.26
O1 GLC H . 6.81 4.20 -10.93
O2 GLC H . 9.35 4.08 -9.94
O3 GLC H . 9.73 1.22 -9.69
O4 GLC H . 7.55 -0.23 -10.74
O5 GLC H . 5.76 2.84 -9.52
O6 GLC H . 4.09 0.98 -11.49
H1 GLC H . 6.99 4.39 -8.90
H2 GLC H . 8.56 2.98 -8.51
H3 GLC H . 8.45 1.98 -11.09
H4 GLC H . 7.18 0.65 -8.99
H5 GLC H . 6.10 1.89 -11.27
H61 GLC H . 4.23 1.02 -9.49
H62 GLC H . 5.02 -0.16 -10.14
HO1 GLC H . 7.53 4.53 -11.19
HO2 GLC H . 10.04 3.66 -10.19
HO3 GLC H . 9.73 1.16 -8.86
HO6 GLC H . 3.39 0.51 -11.50
C1 GAL H . 7.46 -1.38 -10.00
C2 GAL H . 7.72 -2.58 -10.88
C3 GAL H . 7.94 -3.92 -10.20
C4 GAL H . 9.09 -3.82 -9.20
C5 GAL H . 8.73 -2.68 -8.26
C6 GAL H . 9.77 -2.53 -7.17
O2 GAL H . 6.64 -2.71 -11.82
O3 GAL H . 8.35 -4.90 -11.20
O4 GAL H . 10.33 -3.68 -9.95
O5 GAL H . 8.51 -1.36 -8.91
O6 GAL H . 9.15 -1.80 -6.16
H1 GAL H . 6.56 -1.44 -9.62
H2 GAL H . 8.57 -2.39 -11.30
H3 GAL H . 7.12 -4.17 -9.75
H4 GAL H . 9.24 -4.61 -8.65
H5 GAL H . 7.87 -2.95 -7.89
H61 GAL H . 10.56 -2.07 -7.51
H62 GAL H . 10.06 -3.39 -6.85
HO2 GAL H . 6.70 -3.44 -12.23
HO3 GAL H . 9.18 -4.92 -11.26
HO4 GAL H . 10.88 -4.26 -9.70
HO6 GAL H . 9.23 -0.98 -6.33
C1 EDO I . -13.14 -10.45 -22.56
O1 EDO I . -14.27 -11.34 -22.76
C2 EDO I . -11.85 -11.07 -23.13
O2 EDO I . -11.90 -11.39 -24.54
H11 EDO I . -13.01 -10.26 -21.62
H12 EDO I . -13.30 -9.59 -22.99
HO1 EDO I . -14.96 -10.99 -22.44
H21 EDO I . -11.65 -11.88 -22.64
H22 EDO I . -11.11 -10.47 -22.98
HO2 EDO I . -11.16 -11.73 -24.78
C1 EDO J . -6.53 -8.78 26.68
O1 EDO J . -6.19 -8.58 28.08
C2 EDO J . -6.64 -7.42 25.95
O2 EDO J . -5.46 -6.59 26.02
H11 EDO J . -7.37 -9.26 26.61
H12 EDO J . -5.86 -9.34 26.25
HO1 EDO J . -6.13 -9.32 28.47
H21 EDO J . -7.38 -6.93 26.32
H22 EDO J . -6.85 -7.59 25.02
HO2 EDO J . -5.10 -6.55 25.26
C1 EDO K . -9.49 9.13 30.91
O1 EDO K . -9.92 7.79 30.53
C2 EDO K . -9.08 9.96 29.66
O2 EDO K . -10.09 10.13 28.66
H11 EDO K . -8.75 9.09 31.53
H12 EDO K . -10.22 9.59 31.37
HO1 EDO K . -10.14 7.36 31.22
H21 EDO K . -8.31 9.52 29.25
H22 EDO K . -8.78 10.83 29.95
HO2 EDO K . -9.84 10.69 28.09
#